data_5N4G
#
_entry.id   5N4G
#
_cell.length_a   64.880
_cell.length_b   82.160
_cell.length_c   100.390
_cell.angle_alpha   90.00
_cell.angle_beta   90.00
_cell.angle_gamma   90.00
#
_symmetry.space_group_name_H-M   'P 21 21 2'
#
loop_
_entity.id
_entity.type
_entity.pdbx_description
1 polymer 'HEAVY CHAIN'
2 polymer 'LIGHT CHAIN'
3 non-polymer 'SULFATE ION'
4 non-polymer 1,2-ETHANEDIOL
5 water water
#
loop_
_entity_poly.entity_id
_entity_poly.type
_entity_poly.pdbx_seq_one_letter_code
_entity_poly.pdbx_strand_id
1 'polypeptide(L)'
;QVQLVQSGAEVKKPGASVKVSCKASGYIFTSHPIHWVRQAPGQRPEWMGWINAGNGNTKYSQKFQDRVNLTRDTSASTVF
MELINLRFEDTAIYYCIRETKFDPWGQGTLVTVSSASTKGPSVFPLAPSSKSTSGGTAALGCLVKDYFPEPVTVSWNSGA
LTSGVHTFPAVLQSSGLYSLSSVVTVPSSSLGTQTYICNVNHKPSNTKVDKRVEPKSCDKGSENLYFQGSWSHPQFEKGG
SGGGSGGGSWSHPQFEK
;
H
2 'polypeptide(L)'
;EIVLTQSPLSLPVTLGQPASISCRSSQDLVYRDGITYLNWFQQRPGQSPRRLIYKVSNRDSGVPDRFSGSGSGTDFTLRI
SRVEAEDIGVYYCMQGTHWPITFGQGTRLEIKRTVAAPSVFIFPPSDEQLKSGTASVVCLLNNFYPREAKVQWKVDNALQ
SGNSQESVTEQDSKDSTYSLSSTLTLSKADYEKHKVYACEVTHQGLSSPVTKSFNRGEC
;
L
#
# COMPACT_ATOMS: atom_id res chain seq x y z
N GLN A 1 -13.74 -16.89 -6.89
CA GLN A 1 -14.77 -17.57 -6.12
C GLN A 1 -14.54 -17.44 -4.62
N VAL A 2 -13.68 -18.30 -3.99
CA VAL A 2 -13.35 -18.28 -2.54
C VAL A 2 -12.62 -16.96 -2.20
N GLN A 3 -13.37 -16.10 -1.48
CA GLN A 3 -12.98 -14.76 -1.04
C GLN A 3 -13.60 -14.38 0.33
N LEU A 4 -13.00 -13.39 1.03
CA LEU A 4 -13.43 -12.83 2.32
C LEU A 4 -13.43 -11.31 2.11
N VAL A 5 -14.61 -10.70 2.23
CA VAL A 5 -14.76 -9.28 1.97
C VAL A 5 -14.97 -8.55 3.29
N GLN A 6 -14.10 -7.59 3.55
CA GLN A 6 -14.14 -6.78 4.76
C GLN A 6 -14.80 -5.43 4.53
N SER A 7 -15.31 -4.84 5.63
CA SER A 7 -15.95 -3.53 5.73
C SER A 7 -14.91 -2.41 5.46
N GLY A 8 -15.39 -1.18 5.32
CA GLY A 8 -14.54 -0.03 5.03
C GLY A 8 -13.85 0.53 6.25
N ALA A 9 -12.79 1.34 6.00
CA ALA A 9 -11.96 2.01 7.00
C ALA A 9 -12.79 2.91 7.93
N GLU A 10 -12.41 2.94 9.23
CA GLU A 10 -13.10 3.72 10.24
C GLU A 10 -12.16 4.55 11.08
N VAL A 11 -12.55 5.80 11.31
CA VAL A 11 -11.86 6.68 12.23
C VAL A 11 -12.72 6.64 13.50
N LYS A 12 -12.07 6.45 14.62
CA LYS A 12 -12.72 6.36 15.90
C LYS A 12 -11.98 7.22 16.89
N LYS A 13 -12.70 7.77 17.88
CA LYS A 13 -12.10 8.60 18.91
C LYS A 13 -11.50 7.70 20.01
N PRO A 14 -10.43 8.10 20.72
CA PRO A 14 -9.92 7.24 21.83
C PRO A 14 -11.02 6.94 22.88
N GLY A 15 -10.92 5.77 23.52
CA GLY A 15 -11.93 5.32 24.49
C GLY A 15 -13.07 4.55 23.85
N ALA A 16 -13.46 4.92 22.59
CA ALA A 16 -14.55 4.30 21.82
C ALA A 16 -14.29 2.86 21.35
N SER A 17 -15.25 2.28 20.60
CA SER A 17 -15.21 0.90 20.10
C SER A 17 -15.42 0.78 18.59
N VAL A 18 -14.81 -0.23 17.96
CA VAL A 18 -14.92 -0.51 16.53
C VAL A 18 -15.46 -1.92 16.29
N LYS A 19 -16.37 -2.06 15.32
CA LYS A 19 -16.89 -3.36 14.91
C LYS A 19 -16.59 -3.54 13.43
N VAL A 20 -15.77 -4.55 13.11
CA VAL A 20 -15.36 -4.89 11.74
C VAL A 20 -16.13 -6.13 11.22
N SER A 21 -16.56 -6.07 9.94
CA SER A 21 -17.30 -7.14 9.27
C SER A 21 -16.32 -7.95 8.45
N CYS A 22 -16.77 -9.14 8.00
CA CYS A 22 -15.99 -10.02 7.14
C CYS A 22 -16.94 -11.06 6.57
N LYS A 23 -17.39 -10.84 5.33
CA LYS A 23 -18.36 -11.69 4.62
C LYS A 23 -17.64 -12.77 3.85
N ALA A 24 -18.07 -14.03 4.03
CA ALA A 24 -17.55 -15.21 3.36
C ALA A 24 -18.38 -15.52 2.12
N SER A 25 -17.75 -15.97 1.02
CA SER A 25 -18.41 -16.31 -0.26
C SER A 25 -17.58 -17.27 -1.10
N GLY A 26 -18.24 -18.23 -1.76
CA GLY A 26 -17.59 -19.25 -2.60
C GLY A 26 -17.28 -20.54 -1.87
N TYR A 27 -17.85 -20.69 -0.65
CA TYR A 27 -17.77 -21.84 0.25
C TYR A 27 -18.85 -21.73 1.35
N ILE A 28 -19.06 -22.82 2.12
CA ILE A 28 -20.04 -22.84 3.22
C ILE A 28 -19.37 -22.18 4.44
N PHE A 29 -19.97 -21.07 4.94
CA PHE A 29 -19.46 -20.26 6.04
C PHE A 29 -19.16 -21.07 7.29
N THR A 30 -20.14 -21.83 7.79
CA THR A 30 -20.01 -22.63 9.01
C THR A 30 -18.91 -23.69 8.95
N SER A 31 -18.58 -24.15 7.75
CA SER A 31 -17.61 -25.21 7.48
C SER A 31 -16.20 -24.89 7.92
N HIS A 32 -15.80 -23.58 7.87
CA HIS A 32 -14.44 -23.13 8.17
C HIS A 32 -14.32 -21.99 9.19
N PRO A 33 -13.44 -22.14 10.24
CA PRO A 33 -13.26 -21.06 11.20
C PRO A 33 -12.41 -19.90 10.65
N ILE A 34 -12.61 -18.70 11.25
CA ILE A 34 -11.96 -17.45 10.90
C ILE A 34 -10.95 -17.07 11.97
N HIS A 35 -9.93 -16.32 11.56
CA HIS A 35 -8.81 -15.86 12.36
C HIS A 35 -8.68 -14.37 12.14
N TRP A 36 -8.25 -13.65 13.15
CA TRP A 36 -8.07 -12.20 13.06
C TRP A 36 -6.68 -11.85 13.44
N VAL A 37 -6.04 -11.07 12.57
CA VAL A 37 -4.65 -10.62 12.72
C VAL A 37 -4.59 -9.13 12.35
N ARG A 38 -4.00 -8.28 13.19
CA ARG A 38 -3.79 -6.88 12.83
C ARG A 38 -2.32 -6.56 12.57
N GLN A 39 -2.02 -5.49 11.80
CA GLN A 39 -0.66 -5.02 11.63
C GLN A 39 -0.57 -3.53 11.90
N ALA A 40 0.04 -3.16 13.04
CA ALA A 40 0.24 -1.75 13.36
C ALA A 40 1.45 -1.19 12.56
N PRO A 41 1.42 0.08 12.09
CA PRO A 41 2.54 0.61 11.30
C PRO A 41 3.95 0.34 11.85
N GLY A 42 4.73 -0.37 11.06
CA GLY A 42 6.10 -0.74 11.40
C GLY A 42 6.22 -1.69 12.57
N GLN A 43 5.19 -2.53 12.79
CA GLN A 43 5.18 -3.56 13.83
C GLN A 43 4.95 -4.93 13.17
N ARG A 44 5.15 -6.00 13.92
CA ARG A 44 4.91 -7.35 13.45
C ARG A 44 3.42 -7.53 13.29
N PRO A 45 2.92 -8.35 12.35
CA PRO A 45 1.48 -8.66 12.38
C PRO A 45 1.27 -9.42 13.70
N GLU A 46 0.16 -9.14 14.35
CA GLU A 46 -0.20 -9.64 15.67
C GLU A 46 -1.50 -10.40 15.54
N TRP A 47 -1.54 -11.60 16.09
CA TRP A 47 -2.74 -12.41 16.07
C TRP A 47 -3.62 -11.99 17.23
N MET A 48 -4.89 -11.64 16.91
CA MET A 48 -5.86 -11.20 17.91
C MET A 48 -6.76 -12.33 18.47
N GLY A 49 -7.30 -13.16 17.59
CA GLY A 49 -8.19 -14.24 17.98
C GLY A 49 -8.62 -15.15 16.85
N TRP A 50 -9.45 -16.13 17.21
CA TRP A 50 -9.99 -17.20 16.38
C TRP A 50 -11.49 -17.40 16.70
N ILE A 51 -12.29 -17.82 15.74
CA ILE A 51 -13.71 -18.10 15.95
C ILE A 51 -14.11 -19.26 15.06
N ASN A 52 -14.92 -20.15 15.61
CA ASN A 52 -15.48 -21.26 14.87
C ASN A 52 -16.80 -20.72 14.30
N ALA A 53 -16.84 -20.50 12.97
CA ALA A 53 -18.00 -19.99 12.23
C ALA A 53 -19.20 -20.95 12.33
N GLY A 54 -18.92 -22.20 12.63
CA GLY A 54 -19.94 -23.23 12.83
C GLY A 54 -20.70 -23.05 14.12
N ASN A 55 -20.02 -23.20 15.26
CA ASN A 55 -20.71 -23.14 16.55
C ASN A 55 -20.42 -21.86 17.41
N GLY A 56 -19.74 -20.87 16.87
CA GLY A 56 -19.48 -19.60 17.56
C GLY A 56 -18.44 -19.58 18.68
N ASN A 57 -17.78 -20.74 18.92
CA ASN A 57 -16.73 -20.91 19.94
C ASN A 57 -15.51 -20.12 19.54
N THR A 58 -14.96 -19.36 20.49
CA THR A 58 -13.82 -18.44 20.34
C THR A 58 -12.60 -18.81 21.20
N LYS A 59 -11.40 -18.25 20.85
CA LYS A 59 -10.12 -18.39 21.58
C LYS A 59 -9.35 -17.09 21.32
N TYR A 60 -9.11 -16.28 22.36
CA TYR A 60 -8.42 -14.98 22.19
C TYR A 60 -6.95 -14.99 22.60
N SER A 61 -6.23 -13.90 22.27
CA SER A 61 -4.84 -13.70 22.65
C SER A 61 -4.92 -12.99 24.00
N GLN A 62 -4.02 -13.31 24.95
CA GLN A 62 -4.03 -12.69 26.28
C GLN A 62 -4.14 -11.15 26.21
N LYS A 63 -3.51 -10.53 25.21
CA LYS A 63 -3.54 -9.09 24.99
C LYS A 63 -4.94 -8.60 24.58
N PHE A 64 -5.70 -9.47 23.88
CA PHE A 64 -7.00 -9.13 23.31
C PHE A 64 -8.22 -9.69 24.11
N GLN A 65 -7.99 -10.56 25.13
CA GLN A 65 -9.04 -11.06 26.02
C GLN A 65 -9.61 -9.84 26.73
N ASP A 66 -10.94 -9.81 26.92
CA ASP A 66 -11.72 -8.74 27.58
C ASP A 66 -11.60 -7.33 26.89
N ARG A 67 -11.29 -7.32 25.60
CA ARG A 67 -11.27 -6.11 24.77
C ARG A 67 -11.86 -6.42 23.39
N VAL A 68 -11.74 -7.68 22.97
CA VAL A 68 -12.23 -8.19 21.69
C VAL A 68 -13.46 -9.09 21.88
N ASN A 69 -14.44 -8.93 20.99
CA ASN A 69 -15.65 -9.74 20.94
C ASN A 69 -15.82 -10.26 19.50
N LEU A 70 -15.74 -11.58 19.32
CA LEU A 70 -15.94 -12.20 18.02
C LEU A 70 -17.34 -12.81 17.96
N THR A 71 -18.25 -12.15 17.23
CA THR A 71 -19.62 -12.62 17.04
C THR A 71 -19.84 -13.05 15.60
N ARG A 72 -21.09 -13.34 15.23
CA ARG A 72 -21.48 -13.79 13.88
C ARG A 72 -22.91 -13.34 13.45
N ASP A 73 -23.21 -13.69 12.18
CA ASP A 73 -24.48 -13.54 11.46
C ASP A 73 -24.38 -14.64 10.43
N THR A 74 -24.72 -15.88 10.82
CA THR A 74 -24.53 -17.04 9.93
C THR A 74 -25.39 -16.99 8.66
N SER A 75 -26.61 -16.41 8.75
CA SER A 75 -27.50 -16.24 7.59
C SER A 75 -26.83 -15.30 6.57
N ALA A 76 -26.13 -14.25 7.08
CA ALA A 76 -25.36 -13.26 6.31
C ALA A 76 -23.93 -13.75 6.00
N SER A 77 -23.50 -14.88 6.62
CA SER A 77 -22.17 -15.48 6.48
C SER A 77 -21.07 -14.43 6.78
N THR A 78 -21.40 -13.50 7.71
CA THR A 78 -20.55 -12.43 8.20
C THR A 78 -20.08 -12.81 9.61
N VAL A 79 -18.79 -12.59 9.88
CA VAL A 79 -18.17 -12.73 11.19
C VAL A 79 -17.77 -11.32 11.62
N PHE A 80 -17.86 -11.04 12.92
CA PHE A 80 -17.59 -9.71 13.46
C PHE A 80 -16.48 -9.71 14.43
N MET A 81 -15.77 -8.59 14.47
CA MET A 81 -14.67 -8.32 15.37
C MET A 81 -14.98 -7.01 16.01
N GLU A 82 -15.28 -7.01 17.33
CA GLU A 82 -15.58 -5.81 18.10
C GLU A 82 -14.43 -5.56 19.06
N LEU A 83 -13.82 -4.36 18.96
CA LEU A 83 -12.68 -3.96 19.80
C LEU A 83 -13.09 -2.69 20.53
N ILE A 84 -13.15 -2.79 21.87
CA ILE A 84 -13.56 -1.69 22.77
C ILE A 84 -12.33 -1.02 23.37
N ASN A 85 -12.55 0.14 24.05
CA ASN A 85 -11.51 0.96 24.70
C ASN A 85 -10.32 1.19 23.75
N LEU A 86 -10.60 1.84 22.61
CA LEU A 86 -9.60 2.11 21.59
C LEU A 86 -8.54 3.06 22.07
N ARG A 87 -7.32 2.54 22.08
CA ARG A 87 -6.06 3.16 22.46
C ARG A 87 -5.37 3.63 21.17
N PHE A 88 -4.32 4.46 21.29
CA PHE A 88 -3.61 4.97 20.10
C PHE A 88 -2.83 3.90 19.33
N GLU A 89 -2.40 2.81 20.00
CA GLU A 89 -1.67 1.70 19.39
C GLU A 89 -2.60 0.76 18.54
N ASP A 90 -3.93 0.92 18.65
CA ASP A 90 -4.89 0.13 17.89
C ASP A 90 -5.10 0.63 16.42
N THR A 91 -4.39 1.70 16.04
CA THR A 91 -4.39 2.24 14.68
C THR A 91 -3.54 1.23 13.92
N ALA A 92 -4.21 0.32 13.18
CA ALA A 92 -3.61 -0.78 12.41
C ALA A 92 -4.51 -1.12 11.25
N ILE A 93 -4.08 -2.07 10.37
CA ILE A 93 -4.91 -2.64 9.31
C ILE A 93 -5.29 -4.02 9.87
N TYR A 94 -6.62 -4.29 10.00
CA TYR A 94 -7.16 -5.53 10.58
C TYR A 94 -7.52 -6.55 9.49
N TYR A 95 -7.02 -7.81 9.58
CA TYR A 95 -7.31 -8.87 8.60
C TYR A 95 -8.07 -10.07 9.17
N CYS A 96 -9.05 -10.57 8.40
CA CYS A 96 -9.76 -11.81 8.71
C CYS A 96 -9.21 -12.89 7.78
N ILE A 97 -8.91 -14.06 8.32
CA ILE A 97 -8.33 -15.13 7.52
C ILE A 97 -9.09 -16.42 7.72
N ARG A 98 -9.34 -17.15 6.63
CA ARG A 98 -9.93 -18.49 6.76
C ARG A 98 -8.81 -19.41 7.30
N GLU A 99 -9.14 -20.30 8.24
CA GLU A 99 -8.15 -21.16 8.90
C GLU A 99 -7.41 -22.12 7.94
N THR A 100 -8.17 -22.97 7.19
CA THR A 100 -7.63 -24.01 6.30
C THR A 100 -6.71 -23.41 5.24
N LYS A 101 -5.46 -23.92 5.21
CA LYS A 101 -4.35 -23.49 4.33
C LYS A 101 -4.05 -21.96 4.44
N PHE A 102 -4.50 -21.30 5.57
CA PHE A 102 -4.40 -19.85 5.85
C PHE A 102 -4.71 -19.01 4.61
N ASP A 103 -5.79 -19.39 3.93
CA ASP A 103 -6.19 -18.81 2.67
C ASP A 103 -7.69 -18.89 2.52
N PRO A 104 -8.39 -17.82 2.08
CA PRO A 104 -7.84 -16.50 1.71
C PRO A 104 -7.84 -15.48 2.85
N TRP A 105 -6.89 -14.53 2.81
CA TRP A 105 -6.88 -13.41 3.73
C TRP A 105 -7.88 -12.39 3.14
N GLY A 106 -8.62 -11.68 3.99
CA GLY A 106 -9.53 -10.63 3.55
C GLY A 106 -8.73 -9.42 3.09
N GLN A 107 -9.34 -8.44 2.40
CA GLN A 107 -8.56 -7.26 1.94
C GLN A 107 -7.99 -6.38 3.10
N GLY A 108 -8.48 -6.57 4.32
CA GLY A 108 -8.06 -5.77 5.47
C GLY A 108 -8.93 -4.55 5.67
N THR A 109 -8.97 -4.02 6.89
CA THR A 109 -9.74 -2.83 7.26
C THR A 109 -8.84 -1.92 8.03
N LEU A 110 -8.51 -0.74 7.49
CA LEU A 110 -7.65 0.19 8.22
C LEU A 110 -8.46 0.96 9.31
N VAL A 111 -8.10 0.79 10.61
CA VAL A 111 -8.82 1.52 11.66
C VAL A 111 -7.92 2.60 12.25
N THR A 112 -8.35 3.88 12.14
CA THR A 112 -7.54 5.00 12.66
C THR A 112 -8.14 5.59 13.97
N VAL A 113 -7.44 5.38 15.07
CA VAL A 113 -7.80 5.88 16.40
C VAL A 113 -7.20 7.30 16.52
N SER A 114 -8.06 8.33 16.44
CA SER A 114 -7.62 9.73 16.50
C SER A 114 -8.71 10.64 17.07
N SER A 115 -8.29 11.79 17.62
CA SER A 115 -9.20 12.77 18.20
C SER A 115 -9.66 13.80 17.13
N ALA A 116 -8.89 13.87 16.01
CA ALA A 116 -9.10 14.76 14.89
C ALA A 116 -10.40 14.53 14.17
N SER A 117 -10.89 15.61 13.53
CA SER A 117 -12.12 15.68 12.74
C SER A 117 -11.85 15.03 11.36
N THR A 118 -12.79 14.22 10.88
CA THR A 118 -12.71 13.58 9.56
C THR A 118 -12.91 14.66 8.51
N LYS A 119 -12.05 14.66 7.48
CA LYS A 119 -12.16 15.64 6.39
C LYS A 119 -12.14 14.96 5.04
N GLY A 120 -13.20 15.18 4.26
CA GLY A 120 -13.31 14.66 2.90
C GLY A 120 -12.30 15.33 1.98
N PRO A 121 -11.78 14.63 0.94
CA PRO A 121 -10.79 15.27 0.08
C PRO A 121 -11.42 16.18 -0.99
N SER A 122 -10.58 17.12 -1.52
CA SER A 122 -10.88 18.04 -2.62
C SER A 122 -10.09 17.48 -3.78
N VAL A 123 -10.74 17.22 -4.93
CA VAL A 123 -10.07 16.60 -6.09
C VAL A 123 -9.81 17.63 -7.19
N PHE A 124 -8.54 17.79 -7.55
CA PHE A 124 -8.05 18.73 -8.55
C PHE A 124 -7.39 18.02 -9.71
N PRO A 125 -7.63 18.48 -10.96
CA PRO A 125 -6.98 17.82 -12.11
C PRO A 125 -5.52 18.23 -12.35
N LEU A 126 -4.71 17.24 -12.72
CA LEU A 126 -3.33 17.35 -13.17
C LEU A 126 -3.55 17.27 -14.67
N ALA A 127 -3.94 18.39 -15.24
CA ALA A 127 -4.35 18.45 -16.63
C ALA A 127 -3.17 18.36 -17.61
N PRO A 128 -3.34 17.65 -18.76
CA PRO A 128 -2.26 17.55 -19.72
C PRO A 128 -2.13 18.82 -20.57
N SER A 129 -0.92 19.07 -21.08
CA SER A 129 -0.58 20.20 -21.95
C SER A 129 0.70 19.82 -22.67
N SER A 130 1.32 20.76 -23.42
CA SER A 130 2.60 20.49 -24.11
C SER A 130 3.72 20.20 -23.09
N LYS A 131 3.72 20.92 -21.93
CA LYS A 131 4.69 20.78 -20.84
C LYS A 131 4.68 19.41 -20.11
N SER A 132 3.69 18.52 -20.39
CA SER A 132 3.55 17.18 -19.80
C SER A 132 3.36 16.13 -20.90
N THR A 133 4.14 16.27 -22.00
CA THR A 133 4.11 15.43 -23.21
C THR A 133 5.53 15.11 -23.75
N SER A 134 5.80 13.81 -23.88
CA SER A 134 7.06 13.31 -24.40
C SER A 134 6.85 12.19 -25.44
N GLY A 135 7.13 12.51 -26.70
CA GLY A 135 7.05 11.58 -27.82
C GLY A 135 5.71 10.87 -27.97
N GLY A 136 4.65 11.64 -28.12
CA GLY A 136 3.32 11.08 -28.33
C GLY A 136 2.70 10.33 -27.17
N THR A 137 3.00 10.81 -25.97
CA THR A 137 2.51 10.33 -24.67
C THR A 137 2.33 11.57 -23.80
N ALA A 138 1.12 11.74 -23.27
CA ALA A 138 0.76 12.82 -22.40
C ALA A 138 0.59 12.23 -20.99
N ALA A 139 0.92 13.03 -19.95
CA ALA A 139 0.71 12.64 -18.56
C ALA A 139 -0.44 13.47 -18.01
N LEU A 140 -1.28 12.82 -17.19
CA LEU A 140 -2.41 13.48 -16.56
C LEU A 140 -2.77 12.74 -15.26
N GLY A 141 -3.52 13.38 -14.38
CA GLY A 141 -3.92 12.78 -13.12
C GLY A 141 -4.83 13.59 -12.25
N CYS A 142 -4.99 13.16 -11.00
CA CYS A 142 -5.79 13.84 -9.97
C CYS A 142 -4.93 14.12 -8.77
N LEU A 143 -5.19 15.24 -8.11
CA LEU A 143 -4.53 15.62 -6.89
C LEU A 143 -5.64 15.57 -5.86
N VAL A 144 -5.54 14.62 -4.95
CA VAL A 144 -6.53 14.36 -3.90
C VAL A 144 -6.02 15.00 -2.61
N LYS A 145 -6.29 16.29 -2.43
CA LYS A 145 -5.78 17.10 -1.33
C LYS A 145 -6.64 17.19 -0.08
N ASP A 146 -5.94 17.35 1.06
CA ASP A 146 -6.38 17.55 2.44
C ASP A 146 -7.52 16.65 2.86
N TYR A 147 -7.19 15.45 3.33
CA TYR A 147 -8.18 14.48 3.80
C TYR A 147 -7.73 13.87 5.08
N PHE A 148 -8.68 13.39 5.87
CA PHE A 148 -8.39 12.73 7.13
C PHE A 148 -9.47 11.75 7.48
N PRO A 149 -9.14 10.50 7.84
CA PRO A 149 -7.79 9.89 7.84
C PRO A 149 -7.48 9.14 6.51
N GLU A 150 -6.54 8.21 6.58
CA GLU A 150 -6.20 7.31 5.50
C GLU A 150 -7.28 6.17 5.54
N PRO A 151 -7.65 5.46 4.44
CA PRO A 151 -7.16 5.53 3.06
C PRO A 151 -8.06 6.31 2.11
N VAL A 152 -7.58 6.46 0.84
CA VAL A 152 -8.28 6.99 -0.32
C VAL A 152 -7.98 6.08 -1.47
N THR A 153 -9.00 5.36 -1.96
CA THR A 153 -8.88 4.47 -3.11
C THR A 153 -9.12 5.32 -4.35
N VAL A 154 -8.21 5.26 -5.34
CA VAL A 154 -8.29 6.01 -6.60
C VAL A 154 -8.25 5.03 -7.77
N SER A 155 -9.09 5.29 -8.80
CA SER A 155 -9.19 4.48 -10.03
C SER A 155 -9.44 5.39 -11.20
N TRP A 156 -9.42 4.85 -12.43
CA TRP A 156 -9.58 5.58 -13.68
C TRP A 156 -10.52 4.84 -14.56
N ASN A 157 -11.46 5.59 -15.19
CA ASN A 157 -12.51 5.11 -16.10
C ASN A 157 -13.18 3.88 -15.53
N SER A 158 -13.59 4.00 -14.26
CA SER A 158 -14.27 2.96 -13.47
C SER A 158 -13.51 1.59 -13.52
N GLY A 159 -12.19 1.69 -13.30
CA GLY A 159 -11.26 0.57 -13.19
C GLY A 159 -11.04 -0.21 -14.46
N ALA A 160 -11.39 0.40 -15.62
CA ALA A 160 -11.23 -0.17 -16.95
C ALA A 160 -9.91 0.32 -17.54
N LEU A 161 -9.34 1.37 -16.94
CA LEU A 161 -8.05 1.94 -17.29
C LEU A 161 -7.07 1.61 -16.15
N THR A 162 -6.10 0.73 -16.44
CA THR A 162 -5.10 0.23 -15.47
C THR A 162 -3.67 0.48 -15.94
N SER A 163 -3.39 0.27 -17.25
CA SER A 163 -2.07 0.47 -17.83
C SER A 163 -1.70 1.94 -17.73
N GLY A 164 -0.46 2.20 -17.32
CA GLY A 164 0.06 3.57 -17.14
C GLY A 164 -0.28 4.24 -15.81
N VAL A 165 -1.20 3.64 -15.03
CA VAL A 165 -1.68 4.19 -13.76
C VAL A 165 -0.67 4.00 -12.62
N HIS A 166 -0.36 5.12 -11.95
CA HIS A 166 0.54 5.22 -10.79
C HIS A 166 -0.17 6.00 -9.72
N THR A 167 -0.69 5.31 -8.73
CA THR A 167 -1.35 6.05 -7.65
C THR A 167 -0.33 6.11 -6.58
N PHE A 168 0.08 7.32 -6.23
CA PHE A 168 1.16 7.52 -5.27
C PHE A 168 0.74 7.30 -3.84
N PRO A 169 1.63 6.80 -2.97
CA PRO A 169 1.26 6.69 -1.54
C PRO A 169 1.04 8.10 -0.97
N ALA A 170 0.13 8.21 -0.01
CA ALA A 170 -0.22 9.49 0.58
C ALA A 170 0.86 10.04 1.41
N VAL A 171 0.88 11.37 1.51
CA VAL A 171 1.82 12.15 2.31
C VAL A 171 1.09 13.10 3.27
N LEU A 172 1.43 13.00 4.54
CA LEU A 172 0.95 13.80 5.65
C LEU A 172 1.55 15.21 5.54
N GLN A 173 0.72 16.22 5.56
CA GLN A 173 1.09 17.62 5.46
C GLN A 173 1.27 18.30 6.81
N SER A 174 1.75 19.58 6.80
CA SER A 174 1.96 20.40 8.01
C SER A 174 0.65 20.48 8.82
N SER A 175 -0.48 20.54 8.11
CA SER A 175 -1.82 20.61 8.66
C SER A 175 -2.31 19.27 9.27
N GLY A 176 -1.44 18.25 9.31
CA GLY A 176 -1.80 16.91 9.78
C GLY A 176 -2.84 16.24 8.90
N LEU A 177 -2.99 16.75 7.66
CA LEU A 177 -3.92 16.25 6.68
C LEU A 177 -3.13 15.58 5.56
N TYR A 178 -3.76 14.63 4.84
CA TYR A 178 -3.10 13.88 3.76
C TYR A 178 -3.38 14.38 2.38
N SER A 179 -2.37 14.18 1.52
CA SER A 179 -2.43 14.42 0.09
C SER A 179 -1.95 13.21 -0.67
N LEU A 180 -2.46 13.08 -1.91
CA LEU A 180 -2.21 11.97 -2.81
C LEU A 180 -2.44 12.51 -4.22
N SER A 181 -1.81 11.85 -5.18
CA SER A 181 -1.92 12.10 -6.61
C SER A 181 -1.93 10.77 -7.28
N SER A 182 -2.66 10.69 -8.36
CA SER A 182 -2.80 9.46 -9.15
C SER A 182 -2.50 9.92 -10.54
N VAL A 183 -1.60 9.24 -11.22
CA VAL A 183 -1.24 9.67 -12.56
C VAL A 183 -1.45 8.53 -13.55
N VAL A 184 -1.54 8.89 -14.84
CA VAL A 184 -1.76 7.96 -15.95
C VAL A 184 -1.10 8.49 -17.22
N THR A 185 -0.40 7.61 -17.95
CA THR A 185 0.26 7.94 -19.23
C THR A 185 -0.65 7.51 -20.38
N VAL A 186 -1.11 8.49 -21.14
CA VAL A 186 -2.01 8.21 -22.25
C VAL A 186 -1.42 8.76 -23.51
N PRO A 187 -1.80 8.23 -24.69
CA PRO A 187 -1.34 8.85 -25.95
C PRO A 187 -1.92 10.28 -26.11
N SER A 188 -1.14 11.21 -26.68
CA SER A 188 -1.63 12.59 -26.87
C SER A 188 -2.84 12.66 -27.78
N SER A 189 -2.97 11.69 -28.72
CA SER A 189 -4.07 11.57 -29.68
C SER A 189 -5.45 11.28 -29.06
N SER A 190 -5.49 10.68 -27.85
CA SER A 190 -6.72 10.31 -27.18
C SER A 190 -7.37 11.46 -26.42
N LEU A 191 -6.55 12.44 -25.96
CA LEU A 191 -6.97 13.69 -25.30
C LEU A 191 -7.81 14.38 -26.37
N GLY A 192 -9.09 14.67 -26.08
CA GLY A 192 -10.11 15.26 -26.99
C GLY A 192 -11.00 14.19 -27.68
N THR A 193 -10.74 12.89 -27.42
CA THR A 193 -11.52 11.78 -27.99
C THR A 193 -12.02 10.84 -26.89
N GLN A 194 -11.10 10.36 -26.05
CA GLN A 194 -11.40 9.50 -24.91
C GLN A 194 -11.57 10.38 -23.68
N THR A 195 -12.58 10.09 -22.85
CA THR A 195 -12.66 10.85 -21.60
C THR A 195 -11.84 10.12 -20.56
N TYR A 196 -11.08 10.87 -19.77
CA TYR A 196 -10.34 10.27 -18.67
C TYR A 196 -10.93 10.82 -17.42
N ILE A 197 -11.47 9.89 -16.62
CA ILE A 197 -12.12 10.21 -15.34
C ILE A 197 -11.35 9.50 -14.25
N CYS A 198 -11.21 10.14 -13.09
CA CYS A 198 -10.61 9.47 -11.96
C CYS A 198 -11.57 9.41 -10.80
N ASN A 199 -11.90 8.19 -10.42
CA ASN A 199 -12.88 7.90 -9.38
C ASN A 199 -12.23 7.79 -8.03
N VAL A 200 -12.39 8.81 -7.22
CA VAL A 200 -11.81 8.89 -5.88
C VAL A 200 -12.87 8.51 -4.81
N ASN A 201 -12.54 7.54 -3.94
CA ASN A 201 -13.44 7.12 -2.86
C ASN A 201 -12.75 7.21 -1.48
N HIS A 202 -13.34 8.00 -0.55
CA HIS A 202 -12.84 8.17 0.82
C HIS A 202 -13.98 7.76 1.77
N LYS A 203 -14.10 6.44 2.04
CA LYS A 203 -15.13 5.81 2.88
C LYS A 203 -15.25 6.40 4.34
N PRO A 204 -14.17 6.65 5.13
CA PRO A 204 -14.39 7.27 6.46
C PRO A 204 -15.21 8.57 6.43
N SER A 205 -15.10 9.33 5.35
CA SER A 205 -15.80 10.60 5.15
C SER A 205 -17.10 10.43 4.33
N ASN A 206 -17.29 9.26 3.68
CA ASN A 206 -18.43 8.95 2.81
C ASN A 206 -18.44 9.89 1.56
N THR A 207 -17.25 10.14 0.98
CA THR A 207 -17.01 10.98 -0.19
C THR A 207 -16.62 10.09 -1.34
N LYS A 208 -17.30 10.29 -2.49
CA LYS A 208 -17.09 9.61 -3.76
C LYS A 208 -17.20 10.68 -4.85
N VAL A 209 -16.13 10.81 -5.68
CA VAL A 209 -16.04 11.85 -6.73
C VAL A 209 -15.50 11.23 -8.01
N ASP A 210 -16.07 11.64 -9.17
CA ASP A 210 -15.65 11.30 -10.54
C ASP A 210 -15.23 12.64 -11.15
N LYS A 211 -13.93 12.81 -11.46
CA LYS A 211 -13.35 14.05 -11.97
C LYS A 211 -12.79 13.92 -13.37
N ARG A 212 -13.38 14.62 -14.31
CA ARG A 212 -12.95 14.64 -15.71
C ARG A 212 -11.73 15.56 -15.78
N VAL A 213 -10.61 14.95 -16.21
CA VAL A 213 -9.32 15.62 -16.36
C VAL A 213 -9.20 15.81 -17.84
N GLU A 214 -9.30 17.07 -18.30
CA GLU A 214 -9.29 17.51 -19.70
C GLU A 214 -8.03 18.33 -20.02
N PRO A 215 -7.53 18.39 -21.29
CA PRO A 215 -6.36 19.24 -21.55
C PRO A 215 -6.73 20.72 -21.53
N LYS A 216 -5.74 21.59 -21.25
CA LYS A 216 -5.92 23.06 -21.22
C LYS A 216 -4.72 23.78 -21.85
N GLU B 1 4.04 -14.91 22.48
CA GLU B 1 5.14 -15.32 23.35
C GLU B 1 6.34 -15.92 22.61
N ILE B 2 6.11 -16.83 21.63
CA ILE B 2 7.21 -17.44 20.83
C ILE B 2 7.67 -16.31 19.90
N VAL B 3 8.91 -15.81 20.04
CA VAL B 3 9.28 -14.65 19.23
C VAL B 3 10.13 -15.11 18.07
N LEU B 4 9.61 -14.80 16.88
CA LEU B 4 10.18 -15.08 15.58
C LEU B 4 10.89 -13.81 15.13
N THR B 5 12.12 -13.93 14.59
CA THR B 5 12.99 -12.83 14.17
C THR B 5 13.64 -13.09 12.80
N GLN B 6 13.32 -12.24 11.81
CA GLN B 6 13.81 -12.35 10.42
C GLN B 6 15.07 -11.55 10.21
N SER B 7 16.15 -12.28 9.82
CA SER B 7 17.48 -11.68 9.76
C SER B 7 17.64 -10.60 8.66
N PRO B 8 17.78 -10.77 7.33
CA PRO B 8 17.88 -9.53 6.51
C PRO B 8 16.51 -8.85 6.56
N LEU B 9 16.40 -7.59 6.96
CA LEU B 9 15.08 -6.94 7.07
C LEU B 9 14.68 -6.20 5.80
N SER B 10 15.65 -5.96 4.96
CA SER B 10 15.55 -5.36 3.65
C SER B 10 16.55 -6.10 2.83
N LEU B 11 16.14 -6.54 1.65
CA LEU B 11 17.01 -7.33 0.80
C LEU B 11 16.94 -6.93 -0.70
N PRO B 12 17.91 -6.12 -1.19
CA PRO B 12 17.92 -5.77 -2.63
C PRO B 12 18.58 -6.89 -3.42
N VAL B 13 17.83 -7.57 -4.32
CA VAL B 13 18.40 -8.69 -5.10
C VAL B 13 18.21 -8.52 -6.60
N THR B 14 19.33 -8.62 -7.34
CA THR B 14 19.43 -8.55 -8.80
C THR B 14 18.59 -9.60 -9.52
N LEU B 15 17.94 -9.23 -10.61
CA LEU B 15 17.15 -10.16 -11.40
C LEU B 15 18.02 -11.35 -11.81
N GLY B 16 17.52 -12.56 -11.54
CA GLY B 16 18.21 -13.81 -11.84
C GLY B 16 19.16 -14.28 -10.77
N GLN B 17 19.46 -13.41 -9.77
CA GLN B 17 20.36 -13.72 -8.66
C GLN B 17 19.63 -14.40 -7.52
N PRO B 18 20.32 -15.10 -6.58
CA PRO B 18 19.59 -15.78 -5.49
C PRO B 18 19.33 -14.88 -4.29
N ALA B 19 18.26 -15.20 -3.54
CA ALA B 19 17.87 -14.49 -2.32
C ALA B 19 17.58 -15.43 -1.17
N SER B 20 17.85 -14.98 0.07
CA SER B 20 17.58 -15.73 1.29
C SER B 20 17.06 -14.86 2.38
N ILE B 21 16.11 -15.38 3.15
CA ILE B 21 15.53 -14.73 4.35
C ILE B 21 15.60 -15.79 5.44
N SER B 22 16.05 -15.40 6.63
CA SER B 22 16.18 -16.26 7.81
C SER B 22 15.09 -15.93 8.83
N CYS B 23 14.71 -16.92 9.64
CA CYS B 23 13.73 -16.73 10.73
C CYS B 23 14.27 -17.49 11.97
N ARG B 24 14.47 -16.80 13.10
CA ARG B 24 14.94 -17.41 14.35
C ARG B 24 13.82 -17.42 15.41
N SER B 25 13.39 -18.62 15.84
CA SER B 25 12.29 -18.84 16.79
C SER B 25 12.73 -19.02 18.27
N SER B 26 12.19 -20.12 18.92
CA SER B 26 12.36 -20.72 20.26
C SER B 26 11.64 -22.15 20.24
N GLN B 27 12.16 -23.03 19.36
CA GLN B 27 11.95 -24.45 19.01
C GLN B 27 10.53 -24.85 18.63
N ASP B 28 10.27 -24.73 17.33
CA ASP B 28 9.03 -25.09 16.69
C ASP B 28 9.10 -26.59 16.40
N LEU B 29 8.06 -27.35 16.79
CA LEU B 29 7.95 -28.80 16.74
C LEU B 29 6.92 -29.27 17.81
N VAL B 30 5.69 -29.65 17.37
CA VAL B 30 4.66 -30.15 18.29
C VAL B 30 4.96 -31.64 18.51
N TYR B 31 4.52 -32.16 19.66
CA TYR B 31 4.61 -33.55 20.11
C TYR B 31 4.09 -34.51 19.06
N ARG B 32 3.10 -34.06 18.25
CA ARG B 32 2.49 -34.89 17.24
C ARG B 32 3.37 -35.01 16.04
N ASP B 33 3.88 -36.25 15.93
CA ASP B 33 4.73 -36.86 14.93
C ASP B 33 5.84 -35.93 14.41
N GLY B 34 6.30 -35.04 15.30
CA GLY B 34 7.39 -34.12 15.03
C GLY B 34 7.18 -33.16 13.89
N ILE B 35 5.95 -32.66 13.78
CA ILE B 35 5.62 -31.70 12.74
C ILE B 35 5.92 -30.28 13.26
N THR B 36 6.80 -29.57 12.55
CA THR B 36 7.19 -28.19 12.80
C THR B 36 6.21 -27.35 11.97
N TYR B 37 5.57 -26.40 12.63
CA TYR B 37 4.53 -25.62 12.01
C TYR B 37 4.97 -24.23 11.61
N LEU B 38 6.05 -24.19 10.83
CA LEU B 38 6.55 -22.92 10.32
C LEU B 38 6.08 -22.69 8.89
N ASN B 39 5.46 -21.53 8.66
CA ASN B 39 4.93 -21.12 7.36
C ASN B 39 5.55 -19.81 6.92
N TRP B 40 5.68 -19.63 5.60
CA TRP B 40 6.12 -18.38 4.95
C TRP B 40 4.98 -17.72 4.15
N PHE B 41 4.80 -16.38 4.30
CA PHE B 41 3.81 -15.60 3.57
C PHE B 41 4.49 -14.56 2.71
N GLN B 42 3.80 -14.14 1.64
CA GLN B 42 4.26 -13.14 0.69
C GLN B 42 3.19 -12.05 0.56
N GLN B 43 3.53 -10.82 0.96
CA GLN B 43 2.63 -9.72 0.82
C GLN B 43 3.18 -8.86 -0.31
N ARG B 44 2.48 -8.91 -1.46
CA ARG B 44 2.82 -8.14 -2.66
C ARG B 44 2.18 -6.73 -2.57
N PRO B 45 2.72 -5.69 -3.25
CA PRO B 45 2.09 -4.36 -3.16
C PRO B 45 0.64 -4.34 -3.63
N GLY B 46 -0.20 -3.66 -2.85
CA GLY B 46 -1.64 -3.55 -3.09
C GLY B 46 -2.31 -4.90 -3.08
N GLN B 47 -1.98 -5.72 -2.07
CA GLN B 47 -2.45 -7.08 -1.88
C GLN B 47 -2.23 -7.51 -0.45
N SER B 48 -3.09 -8.40 0.04
CA SER B 48 -3.03 -9.00 1.37
C SER B 48 -2.06 -10.18 1.25
N PRO B 49 -1.40 -10.61 2.35
CA PRO B 49 -0.47 -11.75 2.26
C PRO B 49 -1.07 -13.06 1.69
N ARG B 50 -0.19 -13.89 1.12
CA ARG B 50 -0.48 -15.17 0.50
C ARG B 50 0.58 -16.16 0.98
N ARG B 51 0.13 -17.28 1.54
CA ARG B 51 1.03 -18.32 2.06
C ARG B 51 1.78 -19.00 0.93
N LEU B 52 3.11 -19.06 1.03
CA LEU B 52 3.91 -19.75 0.03
C LEU B 52 4.28 -21.11 0.54
N ILE B 53 5.06 -21.17 1.61
CA ILE B 53 5.57 -22.39 2.21
C ILE B 53 4.82 -22.70 3.48
N TYR B 54 4.54 -23.97 3.68
CA TYR B 54 3.94 -24.42 4.90
C TYR B 54 4.74 -25.63 5.42
N LYS B 55 4.67 -25.91 6.74
CA LYS B 55 5.35 -27.04 7.37
C LYS B 55 6.82 -27.09 6.97
N VAL B 56 7.53 -25.93 7.12
CA VAL B 56 8.96 -25.67 6.86
C VAL B 56 9.33 -25.61 5.36
N SER B 57 9.01 -26.67 4.59
CA SER B 57 9.48 -26.84 3.23
C SER B 57 8.45 -27.12 2.18
N ASN B 58 7.19 -27.33 2.59
CA ASN B 58 6.13 -27.68 1.65
C ASN B 58 5.53 -26.49 0.92
N ARG B 59 5.68 -26.42 -0.41
CA ARG B 59 5.12 -25.35 -1.24
C ARG B 59 3.60 -25.44 -1.33
N ASP B 60 2.94 -24.29 -1.20
CA ASP B 60 1.47 -24.16 -1.30
C ASP B 60 1.10 -24.28 -2.79
N SER B 61 -0.19 -24.36 -3.11
CA SER B 61 -0.57 -24.49 -4.52
C SER B 61 -0.23 -23.25 -5.35
N GLY B 62 0.32 -23.49 -6.53
CA GLY B 62 0.69 -22.42 -7.44
C GLY B 62 1.97 -21.69 -7.07
N VAL B 63 2.81 -22.32 -6.25
CA VAL B 63 4.06 -21.70 -5.84
C VAL B 63 5.19 -22.21 -6.75
N PRO B 64 5.99 -21.30 -7.36
CA PRO B 64 7.10 -21.76 -8.23
C PRO B 64 8.22 -22.54 -7.52
N ASP B 65 8.88 -23.39 -8.29
CA ASP B 65 10.01 -24.22 -7.85
C ASP B 65 11.16 -23.44 -7.23
N ARG B 66 11.34 -22.16 -7.68
CA ARG B 66 12.41 -21.27 -7.21
C ARG B 66 12.33 -20.98 -5.70
N PHE B 67 11.09 -21.03 -5.10
CA PHE B 67 10.86 -20.84 -3.66
C PHE B 67 11.15 -22.12 -2.95
N SER B 68 11.99 -22.03 -1.94
CA SER B 68 12.42 -23.16 -1.14
C SER B 68 12.38 -22.76 0.35
N GLY B 69 12.09 -23.76 1.18
CA GLY B 69 12.02 -23.62 2.63
C GLY B 69 12.81 -24.71 3.31
N SER B 70 13.53 -24.33 4.35
CA SER B 70 14.43 -25.20 5.10
C SER B 70 14.40 -24.83 6.58
N GLY B 71 15.10 -25.62 7.40
CA GLY B 71 15.19 -25.37 8.83
C GLY B 71 14.82 -26.49 9.79
N SER B 72 15.26 -26.32 11.05
CA SER B 72 15.05 -27.27 12.14
C SER B 72 15.13 -26.56 13.49
N GLY B 73 14.11 -26.78 14.31
CA GLY B 73 14.04 -26.20 15.65
C GLY B 73 13.87 -24.70 15.70
N THR B 74 14.99 -23.95 15.76
CA THR B 74 14.93 -22.50 15.94
C THR B 74 15.39 -21.66 14.74
N ASP B 75 16.05 -22.28 13.75
CA ASP B 75 16.56 -21.52 12.62
C ASP B 75 16.00 -22.07 11.38
N PHE B 76 15.38 -21.17 10.60
CA PHE B 76 14.67 -21.45 9.36
C PHE B 76 15.08 -20.50 8.25
N THR B 77 14.91 -20.95 7.00
CA THR B 77 15.26 -20.18 5.82
C THR B 77 14.21 -20.24 4.73
N LEU B 78 14.09 -19.15 3.99
CA LEU B 78 13.32 -19.05 2.76
C LEU B 78 14.38 -18.72 1.70
N ARG B 79 14.58 -19.63 0.76
CA ARG B 79 15.55 -19.39 -0.30
C ARG B 79 14.85 -19.29 -1.64
N ILE B 80 15.23 -18.28 -2.46
CA ILE B 80 14.72 -18.05 -3.83
C ILE B 80 15.91 -18.31 -4.80
N SER B 81 15.80 -19.43 -5.57
CA SER B 81 16.80 -19.91 -6.55
C SER B 81 17.36 -18.75 -7.39
N ARG B 82 16.45 -18.06 -8.11
CA ARG B 82 16.68 -16.90 -8.97
C ARG B 82 15.45 -16.00 -8.88
N VAL B 83 15.65 -14.74 -8.48
CA VAL B 83 14.57 -13.76 -8.31
C VAL B 83 13.98 -13.29 -9.64
N GLU B 84 12.64 -13.29 -9.69
CA GLU B 84 11.88 -12.78 -10.83
C GLU B 84 11.27 -11.44 -10.44
N ALA B 85 10.98 -10.57 -11.42
CA ALA B 85 10.44 -9.23 -11.14
C ALA B 85 9.14 -9.22 -10.30
N GLU B 86 8.32 -10.30 -10.38
CA GLU B 86 7.06 -10.49 -9.64
C GLU B 86 7.25 -10.85 -8.18
N ASP B 87 8.50 -11.02 -7.73
CA ASP B 87 8.85 -11.43 -6.37
C ASP B 87 9.01 -10.25 -5.38
N ILE B 88 8.80 -9.00 -5.86
CA ILE B 88 8.86 -7.76 -5.06
C ILE B 88 7.69 -7.82 -4.03
N GLY B 89 8.04 -7.64 -2.75
CA GLY B 89 7.10 -7.68 -1.65
C GLY B 89 7.74 -7.89 -0.29
N VAL B 90 6.90 -8.02 0.75
CA VAL B 90 7.35 -8.24 2.13
C VAL B 90 7.07 -9.72 2.42
N TYR B 91 8.01 -10.40 3.10
CA TYR B 91 7.90 -11.80 3.45
C TYR B 91 7.85 -11.98 4.99
N TYR B 92 6.82 -12.70 5.48
CA TYR B 92 6.68 -12.94 6.92
C TYR B 92 6.73 -14.44 7.23
N CYS B 93 7.52 -14.85 8.24
CA CYS B 93 7.53 -16.25 8.72
C CYS B 93 6.47 -16.23 9.82
N MET B 94 5.73 -17.33 9.99
CA MET B 94 4.71 -17.42 10.99
C MET B 94 4.75 -18.80 11.55
N GLN B 95 4.62 -18.90 12.85
CA GLN B 95 4.58 -20.17 13.55
C GLN B 95 3.14 -20.38 14.03
N GLY B 96 2.74 -21.64 14.03
CA GLY B 96 1.44 -22.11 14.48
C GLY B 96 1.60 -23.38 15.28
N THR B 97 2.81 -23.58 15.90
CA THR B 97 3.11 -24.75 16.77
C THR B 97 2.27 -24.62 18.04
N HIS B 98 2.44 -23.52 18.80
CA HIS B 98 1.68 -23.24 20.02
C HIS B 98 0.97 -21.91 19.92
N TRP B 99 -0.21 -21.81 20.56
CA TRP B 99 -0.97 -20.57 20.58
C TRP B 99 -0.42 -19.65 21.70
N PRO B 100 -0.18 -18.34 21.41
CA PRO B 100 -0.61 -17.57 20.23
C PRO B 100 0.22 -17.74 18.96
N ILE B 101 -0.46 -17.63 17.81
CA ILE B 101 0.17 -17.67 16.49
C ILE B 101 1.04 -16.38 16.44
N THR B 102 2.34 -16.55 16.16
CA THR B 102 3.27 -15.42 16.10
C THR B 102 3.94 -15.32 14.73
N PHE B 103 4.31 -14.10 14.36
CA PHE B 103 4.89 -13.74 13.06
C PHE B 103 6.24 -13.02 13.20
N GLY B 104 7.05 -13.07 12.15
CA GLY B 104 8.27 -12.30 12.02
C GLY B 104 7.92 -10.85 11.72
N GLN B 105 8.92 -9.95 11.71
CA GLN B 105 8.74 -8.52 11.43
C GLN B 105 8.33 -8.24 9.98
N GLY B 106 8.95 -8.97 9.05
CA GLY B 106 8.83 -8.83 7.60
C GLY B 106 10.19 -8.54 7.00
N THR B 107 10.38 -8.88 5.70
CA THR B 107 11.60 -8.58 4.96
C THR B 107 11.20 -8.05 3.59
N ARG B 108 11.47 -6.76 3.35
CA ARG B 108 11.17 -6.15 2.06
C ARG B 108 12.24 -6.60 1.02
N LEU B 109 11.81 -7.37 0.00
CA LEU B 109 12.66 -7.81 -1.08
C LEU B 109 12.54 -6.77 -2.20
N GLU B 110 13.64 -6.04 -2.45
CA GLU B 110 13.78 -5.05 -3.51
C GLU B 110 14.42 -5.80 -4.67
N ILE B 111 14.34 -5.26 -5.90
CA ILE B 111 14.98 -5.85 -7.07
C ILE B 111 15.99 -4.88 -7.65
N LYS B 112 17.12 -5.42 -8.11
CA LYS B 112 18.15 -4.64 -8.77
C LYS B 112 18.06 -4.94 -10.27
N ARG B 113 17.85 -3.90 -11.07
CA ARG B 113 17.79 -4.03 -12.52
C ARG B 113 18.72 -2.99 -13.16
N THR B 114 18.68 -2.85 -14.51
CA THR B 114 19.51 -1.85 -15.20
C THR B 114 18.96 -0.44 -15.05
N VAL B 115 19.85 0.56 -15.21
CA VAL B 115 19.48 1.97 -15.11
C VAL B 115 18.56 2.38 -16.26
N ALA B 116 17.46 3.09 -15.91
CA ALA B 116 16.42 3.66 -16.77
C ALA B 116 16.20 5.11 -16.31
N ALA B 117 16.43 6.09 -17.19
CA ALA B 117 16.27 7.50 -16.85
C ALA B 117 14.80 7.84 -16.86
N PRO B 118 14.34 8.70 -15.92
CA PRO B 118 12.90 9.00 -15.88
C PRO B 118 12.43 9.98 -16.95
N SER B 119 11.12 9.95 -17.25
CA SER B 119 10.46 10.92 -18.13
C SER B 119 9.94 11.98 -17.18
N VAL B 120 10.26 13.26 -17.40
CA VAL B 120 9.81 14.37 -16.56
C VAL B 120 8.60 15.03 -17.22
N PHE B 121 7.63 15.47 -16.41
CA PHE B 121 6.39 16.15 -16.83
C PHE B 121 6.10 17.11 -15.72
N ILE B 122 5.70 18.33 -16.06
CA ILE B 122 5.36 19.33 -15.05
C ILE B 122 3.89 19.76 -15.25
N PHE B 123 3.15 19.90 -14.15
CA PHE B 123 1.75 20.29 -14.10
C PHE B 123 1.56 21.67 -13.43
N PRO B 124 1.04 22.69 -14.15
CA PRO B 124 0.78 23.99 -13.51
C PRO B 124 -0.48 23.87 -12.65
N PRO B 125 -0.68 24.75 -11.65
CA PRO B 125 -1.88 24.63 -10.79
C PRO B 125 -3.20 24.68 -11.53
N SER B 126 -4.20 23.92 -11.04
CA SER B 126 -5.54 23.91 -11.63
C SER B 126 -6.22 25.21 -11.24
N ASP B 127 -7.03 25.78 -12.14
CA ASP B 127 -7.75 27.02 -11.82
C ASP B 127 -8.76 26.82 -10.66
N GLU B 128 -9.32 25.59 -10.52
CA GLU B 128 -10.25 25.22 -9.46
C GLU B 128 -9.63 25.41 -8.07
N GLN B 129 -8.30 25.07 -7.94
CA GLN B 129 -7.52 25.19 -6.70
C GLN B 129 -7.13 26.65 -6.46
N LEU B 130 -6.86 27.36 -7.56
CA LEU B 130 -6.50 28.77 -7.54
C LEU B 130 -7.66 29.62 -7.10
N LYS B 131 -8.92 29.16 -7.38
CA LYS B 131 -10.14 29.80 -6.90
C LYS B 131 -10.29 29.54 -5.37
N SER B 132 -9.72 28.43 -4.83
CA SER B 132 -9.73 28.08 -3.41
C SER B 132 -8.55 28.71 -2.62
N GLY B 133 -7.76 29.55 -3.29
CA GLY B 133 -6.66 30.30 -2.66
C GLY B 133 -5.28 29.70 -2.57
N THR B 134 -5.07 28.43 -3.02
CA THR B 134 -3.76 27.75 -2.96
C THR B 134 -3.29 27.29 -4.36
N ALA B 135 -1.97 27.10 -4.56
CA ALA B 135 -1.42 26.65 -5.84
C ALA B 135 -0.37 25.54 -5.67
N SER B 136 -0.67 24.36 -6.21
CA SER B 136 0.24 23.23 -6.15
C SER B 136 0.78 23.00 -7.52
N VAL B 137 2.10 22.89 -7.66
CA VAL B 137 2.82 22.60 -8.90
C VAL B 137 3.40 21.18 -8.72
N VAL B 138 3.10 20.26 -9.66
CA VAL B 138 3.51 18.87 -9.60
C VAL B 138 4.48 18.55 -10.68
N CYS B 139 5.53 17.84 -10.30
CA CYS B 139 6.62 17.41 -11.17
C CYS B 139 6.60 15.89 -11.07
N LEU B 140 6.30 15.21 -12.18
CA LEU B 140 6.24 13.76 -12.29
C LEU B 140 7.51 13.20 -12.91
N LEU B 141 8.04 12.12 -12.31
CA LEU B 141 9.21 11.32 -12.72
C LEU B 141 8.64 9.93 -12.93
N ASN B 142 8.81 9.40 -14.13
CA ASN B 142 8.17 8.16 -14.49
C ASN B 142 9.08 7.06 -15.00
N ASN B 143 8.85 5.85 -14.47
CA ASN B 143 9.50 4.57 -14.78
C ASN B 143 11.00 4.69 -14.88
N PHE B 144 11.62 4.94 -13.74
CA PHE B 144 13.05 5.08 -13.60
C PHE B 144 13.60 4.05 -12.63
N TYR B 145 14.91 3.86 -12.65
CA TYR B 145 15.68 2.99 -11.77
C TYR B 145 17.16 3.47 -11.80
N PRO B 146 17.85 3.61 -10.64
CA PRO B 146 17.40 3.29 -9.26
C PRO B 146 16.41 4.29 -8.68
N ARG B 147 15.90 3.99 -7.46
CA ARG B 147 14.92 4.81 -6.69
C ARG B 147 15.47 6.20 -6.39
N GLU B 148 16.79 6.28 -6.29
CA GLU B 148 17.54 7.48 -5.95
C GLU B 148 17.48 8.47 -7.12
N ALA B 149 16.89 9.66 -6.88
CA ALA B 149 16.65 10.78 -7.80
C ALA B 149 16.63 12.12 -7.05
N LYS B 150 16.91 13.25 -7.72
CA LYS B 150 16.87 14.56 -7.07
C LYS B 150 16.10 15.60 -7.85
N VAL B 151 15.06 16.15 -7.20
CA VAL B 151 14.19 17.17 -7.78
C VAL B 151 14.44 18.50 -7.04
N GLN B 152 14.94 19.51 -7.78
CA GLN B 152 15.13 20.87 -7.27
C GLN B 152 14.03 21.72 -7.90
N TRP B 153 13.40 22.54 -7.10
CA TRP B 153 12.35 23.45 -7.57
C TRP B 153 12.97 24.85 -7.59
N LYS B 154 12.76 25.57 -8.70
CA LYS B 154 13.33 26.89 -8.88
C LYS B 154 12.21 27.86 -9.27
N VAL B 155 11.75 28.68 -8.32
CA VAL B 155 10.72 29.68 -8.57
C VAL B 155 11.39 31.04 -8.84
N ASP B 156 11.30 31.51 -10.09
CA ASP B 156 11.92 32.76 -10.58
C ASP B 156 13.47 32.83 -10.30
N ASN B 157 14.14 31.66 -10.31
CA ASN B 157 15.58 31.42 -10.06
C ASN B 157 15.93 31.23 -8.59
N ALA B 158 14.91 31.24 -7.71
CA ALA B 158 15.14 31.02 -6.27
C ALA B 158 14.96 29.54 -5.97
N LEU B 159 15.96 28.89 -5.36
CA LEU B 159 15.88 27.47 -5.01
C LEU B 159 14.99 27.27 -3.84
N GLN B 160 13.98 26.41 -4.00
CA GLN B 160 13.05 26.12 -2.91
C GLN B 160 13.66 25.05 -2.05
N SER B 161 13.30 25.05 -0.77
CA SER B 161 13.75 24.10 0.24
C SER B 161 12.66 23.96 1.29
N GLY B 162 12.19 22.74 1.52
CA GLY B 162 11.20 22.44 2.55
C GLY B 162 9.75 22.45 2.11
N ASN B 163 9.41 23.43 1.26
CA ASN B 163 8.06 23.59 0.72
C ASN B 163 7.78 22.63 -0.49
N SER B 164 8.28 21.38 -0.41
CA SER B 164 8.06 20.32 -1.44
C SER B 164 7.76 18.97 -0.79
N GLN B 165 6.98 18.14 -1.47
CA GLN B 165 6.69 16.81 -0.95
C GLN B 165 6.85 15.79 -2.04
N GLU B 166 7.83 14.89 -1.86
CA GLU B 166 8.12 13.83 -2.80
C GLU B 166 7.40 12.58 -2.34
N SER B 167 7.05 11.69 -3.26
CA SER B 167 6.32 10.44 -2.96
C SER B 167 6.69 9.43 -4.02
N VAL B 168 7.20 8.29 -3.60
CA VAL B 168 7.65 7.24 -4.54
C VAL B 168 6.72 6.05 -4.46
N THR B 169 6.38 5.50 -5.61
CA THR B 169 5.53 4.28 -5.66
C THR B 169 6.38 3.10 -5.25
N GLU B 170 5.72 1.99 -4.91
CA GLU B 170 6.41 0.74 -4.66
C GLU B 170 7.04 0.33 -6.03
N GLN B 171 8.05 -0.54 -6.01
CA GLN B 171 8.71 -1.04 -7.22
C GLN B 171 7.66 -1.83 -8.03
N ASP B 172 7.69 -1.65 -9.35
CA ASP B 172 6.79 -2.32 -10.27
C ASP B 172 7.15 -3.80 -10.37
N SER B 173 6.14 -4.67 -10.36
CA SER B 173 6.37 -6.12 -10.50
C SER B 173 6.73 -6.48 -11.95
N LYS B 174 6.07 -5.80 -12.91
CA LYS B 174 6.21 -5.98 -14.36
C LYS B 174 7.61 -5.63 -14.86
N ASP B 175 8.13 -4.43 -14.52
CA ASP B 175 9.43 -4.01 -15.03
C ASP B 175 10.41 -3.50 -13.97
N SER B 176 10.08 -3.64 -12.68
CA SER B 176 10.94 -3.26 -11.58
C SER B 176 11.30 -1.74 -11.48
N THR B 177 10.51 -0.88 -12.16
CA THR B 177 10.79 0.56 -12.07
C THR B 177 10.03 1.20 -10.91
N TYR B 178 10.36 2.49 -10.71
CA TYR B 178 9.76 3.39 -9.74
C TYR B 178 9.15 4.60 -10.48
N SER B 179 8.14 5.24 -9.89
CA SER B 179 7.66 6.50 -10.39
C SER B 179 7.62 7.45 -9.17
N LEU B 180 8.04 8.72 -9.34
CA LEU B 180 8.09 9.66 -8.20
C LEU B 180 7.32 10.90 -8.52
N SER B 181 6.64 11.46 -7.51
CA SER B 181 5.86 12.70 -7.58
C SER B 181 6.45 13.77 -6.66
N SER B 182 6.71 14.99 -7.17
CA SER B 182 7.14 16.05 -6.29
C SER B 182 6.12 17.19 -6.35
N THR B 183 5.52 17.58 -5.21
CA THR B 183 4.54 18.67 -5.15
C THR B 183 5.10 19.89 -4.40
N LEU B 184 5.28 21.01 -5.12
CA LEU B 184 5.67 22.27 -4.53
C LEU B 184 4.36 23.02 -4.28
N THR B 185 4.11 23.42 -3.02
CA THR B 185 2.87 24.09 -2.65
C THR B 185 3.07 25.54 -2.18
N LEU B 186 2.47 26.46 -2.95
CA LEU B 186 2.41 27.90 -2.73
C LEU B 186 0.95 28.28 -2.48
N SER B 187 0.73 29.55 -2.09
CA SER B 187 -0.55 30.22 -1.90
C SER B 187 -0.81 31.00 -3.18
N LYS B 188 -2.09 31.27 -3.54
CA LYS B 188 -2.42 32.03 -4.75
C LYS B 188 -1.66 33.38 -4.79
N ALA B 189 -1.36 33.98 -3.61
CA ALA B 189 -0.64 35.25 -3.49
C ALA B 189 0.82 35.12 -3.93
N ASP B 190 1.59 34.19 -3.30
CA ASP B 190 3.00 33.86 -3.61
C ASP B 190 3.11 33.38 -5.07
N TYR B 191 2.16 32.53 -5.52
CA TYR B 191 2.15 31.97 -6.86
C TYR B 191 2.03 33.05 -7.96
N GLU B 192 1.37 34.18 -7.66
CA GLU B 192 1.18 35.26 -8.63
C GLU B 192 2.26 36.39 -8.53
N LYS B 193 3.15 36.32 -7.53
CA LYS B 193 4.25 37.29 -7.43
C LYS B 193 5.44 36.84 -8.34
N HIS B 194 5.32 35.66 -9.00
CA HIS B 194 6.39 35.09 -9.83
C HIS B 194 5.92 34.70 -11.21
N LYS B 195 6.85 34.34 -12.10
CA LYS B 195 6.52 33.98 -13.47
C LYS B 195 7.02 32.58 -13.80
N VAL B 196 8.38 32.40 -13.79
CA VAL B 196 9.06 31.16 -14.18
C VAL B 196 9.01 30.11 -13.04
N TYR B 197 8.57 28.89 -13.40
CA TYR B 197 8.42 27.73 -12.52
C TYR B 197 9.06 26.57 -13.21
N ALA B 198 10.10 25.98 -12.59
CA ALA B 198 10.89 24.90 -13.16
C ALA B 198 11.31 23.83 -12.16
N CYS B 199 11.25 22.58 -12.57
CA CYS B 199 11.75 21.50 -11.73
C CYS B 199 12.92 20.85 -12.45
N GLU B 200 14.05 20.87 -11.81
CA GLU B 200 15.28 20.33 -12.34
C GLU B 200 15.46 18.93 -11.77
N VAL B 201 15.63 17.94 -12.65
CA VAL B 201 15.77 16.55 -12.27
C VAL B 201 17.17 16.03 -12.55
N THR B 202 17.74 15.31 -11.58
CA THR B 202 19.10 14.74 -11.57
C THR B 202 18.97 13.26 -11.19
N HIS B 203 19.59 12.37 -11.95
CA HIS B 203 19.47 10.93 -11.77
C HIS B 203 20.63 10.26 -12.45
N GLN B 204 21.01 9.04 -11.97
CA GLN B 204 22.04 8.16 -12.54
C GLN B 204 21.84 7.95 -14.06
N GLY B 205 20.61 7.77 -14.53
CA GLY B 205 20.31 7.60 -15.94
C GLY B 205 20.51 8.83 -16.82
N LEU B 206 20.79 9.98 -16.18
CA LEU B 206 20.94 11.25 -16.89
C LEU B 206 22.39 11.73 -16.94
N SER B 207 22.84 12.08 -18.15
CA SER B 207 24.19 12.55 -18.45
C SER B 207 24.36 14.01 -18.01
N SER B 208 23.24 14.72 -17.92
CA SER B 208 23.10 16.12 -17.53
C SER B 208 21.71 16.31 -16.87
N PRO B 209 21.45 17.37 -16.05
CA PRO B 209 20.10 17.50 -15.46
C PRO B 209 18.98 17.84 -16.45
N VAL B 210 17.79 17.31 -16.19
CA VAL B 210 16.62 17.58 -17.01
C VAL B 210 15.76 18.62 -16.32
N THR B 211 15.73 19.84 -16.85
CA THR B 211 14.89 20.92 -16.34
C THR B 211 13.63 20.98 -17.22
N LYS B 212 12.45 21.04 -16.58
CA LYS B 212 11.16 21.16 -17.24
C LYS B 212 10.40 22.31 -16.55
N SER B 213 10.18 23.41 -17.30
CA SER B 213 9.60 24.65 -16.79
C SER B 213 8.32 25.15 -17.51
N PHE B 214 7.74 26.26 -16.99
CA PHE B 214 6.58 26.95 -17.54
C PHE B 214 6.47 28.37 -16.95
N ASN B 215 5.78 29.28 -17.69
CA ASN B 215 5.46 30.67 -17.32
C ASN B 215 3.96 30.78 -17.07
N ARG B 216 3.48 31.83 -16.38
CA ARG B 216 2.04 32.01 -16.19
C ARG B 216 1.47 32.92 -17.27
#